data_1ZDR
#
_entry.id   1ZDR
#
_cell.length_a   104.650
_cell.length_b   104.650
_cell.length_c   116.370
_cell.angle_alpha   90.00
_cell.angle_beta   90.00
_cell.angle_gamma   90.00
#
_symmetry.space_group_name_H-M   'P 4 21 2'
#
loop_
_entity.id
_entity.type
_entity.pdbx_description
1 polymer 'dihydrofolate reductase'
2 non-polymer 'SULFATE ION'
3 non-polymer GLYCEROL
4 water water
#
_entity_poly.entity_id   1
_entity_poly.type   'polypeptide(L)'
_entity_poly.pdbx_seq_one_letter_code
;MISHIVAMDENRVIGKDNRLPWHLPADLAYFKRVTMGHAIVMGRKTFEAIGRPLPGRDNVVVTGNRSFRPEGCLVLHSLE
EVKQWIASRADEVFIIGGAELFRATMPIVDRLYVTKIFASFPGDTFYPPISDDEWEIVSYTPGGKDEKNPYEHAFIIYER
KKAK
;
_entity_poly.pdbx_strand_id   A,B
#
loop_
_chem_comp.id
_chem_comp.type
_chem_comp.name
_chem_comp.formula
GOL non-polymer GLYCEROL 'C3 H8 O3'
SO4 non-polymer 'SULFATE ION' 'O4 S -2'
#
# COMPACT_ATOMS: atom_id res chain seq x y z
N MET A 1 -14.45 49.28 14.23
CA MET A 1 -13.19 49.99 14.58
C MET A 1 -12.50 50.56 13.34
N ILE A 2 -11.38 51.26 13.55
CA ILE A 2 -10.61 51.85 12.46
C ILE A 2 -9.34 50.98 12.28
N SER A 3 -9.01 50.64 11.03
CA SER A 3 -7.90 49.74 10.68
C SER A 3 -6.96 50.32 9.63
N HIS A 4 -5.70 49.85 9.59
CA HIS A 4 -4.78 50.27 8.53
C HIS A 4 -4.74 49.04 7.60
N ILE A 5 -4.64 49.24 6.29
CA ILE A 5 -4.43 48.08 5.45
C ILE A 5 -3.31 48.55 4.55
N VAL A 6 -2.25 47.75 4.44
CA VAL A 6 -1.04 48.16 3.68
C VAL A 6 -0.22 46.97 3.21
N ALA A 7 0.50 47.17 2.13
CA ALA A 7 1.39 46.15 1.58
C ALA A 7 2.76 46.81 1.61
N MET A 8 3.76 46.10 2.15
CA MET A 8 5.13 46.62 2.32
C MET A 8 6.14 45.49 2.16
N ASP A 9 7.38 45.84 1.82
CA ASP A 9 8.41 44.82 1.63
C ASP A 9 9.25 44.63 2.91
N GLU A 10 10.35 43.89 2.81
CA GLU A 10 11.18 43.57 3.99
C GLU A 10 11.78 44.76 4.66
N ASN A 11 11.85 45.88 3.94
CA ASN A 11 12.40 47.08 4.56
C ASN A 11 11.29 48.11 4.79
N ARG A 12 10.05 47.64 4.73
CA ARG A 12 8.86 48.46 4.92
C ARG A 12 8.62 49.46 3.84
N VAL A 13 9.21 49.25 2.67
CA VAL A 13 8.93 50.16 1.55
C VAL A 13 7.45 50.03 1.21
N ILE A 14 6.76 51.15 1.02
CA ILE A 14 5.38 51.05 0.58
C ILE A 14 5.21 51.75 -0.76
N GLY A 15 6.25 52.43 -1.23
CA GLY A 15 6.10 53.09 -2.53
C GLY A 15 7.43 53.61 -3.08
N LYS A 16 7.47 53.90 -4.38
CA LYS A 16 8.65 54.46 -5.04
C LYS A 16 8.08 55.34 -6.20
N ASP A 17 8.39 56.63 -6.20
CA ASP A 17 7.95 57.56 -7.27
C ASP A 17 6.43 57.51 -7.41
N ASN A 18 5.76 57.52 -6.28
CA ASN A 18 4.31 57.48 -6.21
C ASN A 18 3.66 56.30 -6.83
N ARG A 19 4.45 55.25 -7.04
CA ARG A 19 3.90 54.00 -7.56
C ARG A 19 4.39 52.85 -6.69
N LEU A 20 3.90 51.65 -7.00
CA LEU A 20 4.28 50.43 -6.30
C LEU A 20 5.42 49.80 -7.09
N PRO A 21 6.51 49.39 -6.41
CA PRO A 21 7.60 48.76 -7.17
C PRO A 21 7.39 47.31 -7.50
N TRP A 22 6.29 46.77 -7.06
CA TRP A 22 5.97 45.38 -7.34
C TRP A 22 4.59 45.33 -7.97
N HIS A 23 4.18 44.20 -8.45
CA HIS A 23 2.84 43.99 -8.98
C HIS A 23 2.47 42.67 -8.37
N LEU A 24 1.46 42.64 -7.49
CA LEU A 24 1.05 41.39 -6.82
C LEU A 24 -0.43 41.27 -6.85
N PRO A 25 -0.96 40.71 -7.93
CA PRO A 25 -2.40 40.54 -8.09
C PRO A 25 -3.06 39.93 -6.87
N ALA A 26 -2.41 38.93 -6.28
CA ALA A 26 -3.02 38.27 -5.09
C ALA A 26 -3.32 39.33 -4.00
N ASP A 27 -2.40 40.27 -3.81
CA ASP A 27 -2.63 41.32 -2.80
C ASP A 27 -3.67 42.33 -3.22
N LEU A 28 -3.72 42.65 -4.51
CA LEU A 28 -4.77 43.57 -4.95
C LEU A 28 -6.13 42.92 -4.76
N ALA A 29 -6.25 41.64 -5.03
CA ALA A 29 -7.54 40.96 -4.88
C ALA A 29 -7.96 40.89 -3.42
N TYR A 30 -7.00 40.69 -2.51
CA TYR A 30 -7.20 40.60 -1.06
C TYR A 30 -7.67 41.95 -0.59
N PHE A 31 -6.94 43.01 -0.99
CA PHE A 31 -7.32 44.37 -0.63
C PHE A 31 -8.78 44.65 -1.02
N LYS A 32 -9.10 44.27 -2.24
CA LYS A 32 -10.44 44.55 -2.78
C LYS A 32 -11.50 43.77 -2.03
N ARG A 33 -11.22 42.52 -1.72
CA ARG A 33 -12.18 41.67 -1.02
C ARG A 33 -12.38 42.23 0.43
N VAL A 34 -11.29 42.63 1.07
CA VAL A 34 -11.37 43.10 2.43
C VAL A 34 -12.06 44.46 2.54
N THR A 35 -11.75 45.37 1.63
CA THR A 35 -12.36 46.68 1.72
C THR A 35 -13.77 46.82 1.08
N MET A 36 -14.17 45.88 0.24
CA MET A 36 -15.49 45.99 -0.44
C MET A 36 -16.66 46.36 0.50
N GLY A 37 -17.46 47.34 0.10
CA GLY A 37 -18.60 47.76 0.93
C GLY A 37 -18.23 48.57 2.15
N HIS A 38 -16.96 48.91 2.30
CA HIS A 38 -16.54 49.70 3.46
C HIS A 38 -15.92 51.06 3.11
N ALA A 39 -15.78 51.94 4.10
CA ALA A 39 -15.12 53.22 3.85
C ALA A 39 -13.61 52.96 3.74
N ILE A 40 -12.96 53.64 2.80
CA ILE A 40 -11.50 53.60 2.68
C ILE A 40 -11.14 55.08 2.79
N VAL A 41 -10.08 55.37 3.56
CA VAL A 41 -9.67 56.74 3.86
C VAL A 41 -8.24 56.90 3.36
N MET A 42 -8.01 57.94 2.57
CA MET A 42 -6.65 58.08 1.99
C MET A 42 -6.22 59.56 1.93
N GLY A 43 -4.91 59.82 1.82
CA GLY A 43 -4.47 61.19 1.70
C GLY A 43 -4.53 61.63 0.23
N ARG A 44 -4.20 62.88 -0.04
CA ARG A 44 -4.26 63.38 -1.40
C ARG A 44 -3.39 62.67 -2.42
N LYS A 45 -2.14 62.37 -2.07
CA LYS A 45 -1.24 61.68 -3.01
C LYS A 45 -1.80 60.31 -3.41
N THR A 46 -2.34 59.62 -2.42
CA THR A 46 -2.91 58.31 -2.70
C THR A 46 -4.11 58.42 -3.64
N PHE A 47 -5.00 59.37 -3.36
CA PHE A 47 -6.15 59.54 -4.23
C PHE A 47 -5.67 59.87 -5.65
N GLU A 48 -4.71 60.77 -5.73
CA GLU A 48 -4.20 61.16 -7.03
C GLU A 48 -3.61 60.00 -7.80
N ALA A 49 -2.86 59.12 -7.12
CA ALA A 49 -2.30 57.98 -7.84
C ALA A 49 -3.40 57.05 -8.29
N ILE A 50 -4.52 56.99 -7.57
CA ILE A 50 -5.63 56.14 -7.97
C ILE A 50 -6.40 56.82 -9.11
N GLY A 51 -6.52 58.14 -9.03
CA GLY A 51 -7.19 58.90 -10.08
C GLY A 51 -8.71 59.02 -10.03
N ARG A 52 -9.37 58.00 -9.46
CA ARG A 52 -10.83 57.98 -9.34
C ARG A 52 -11.25 57.17 -8.10
N PRO A 53 -12.43 57.45 -7.55
CA PRO A 53 -12.84 56.68 -6.37
C PRO A 53 -12.92 55.20 -6.73
N LEU A 54 -12.62 54.33 -5.77
CA LEU A 54 -12.70 52.88 -6.05
C LEU A 54 -14.18 52.47 -5.95
N PRO A 55 -14.70 51.75 -6.95
CA PRO A 55 -16.12 51.36 -6.88
C PRO A 55 -16.48 50.36 -5.78
N GLY A 56 -17.67 50.52 -5.19
CA GLY A 56 -18.09 49.58 -4.15
C GLY A 56 -17.59 49.94 -2.75
N ARG A 57 -16.73 50.96 -2.68
CA ARG A 57 -16.18 51.47 -1.42
C ARG A 57 -16.69 52.89 -1.21
N ASP A 58 -16.77 53.32 0.05
CA ASP A 58 -17.14 54.73 0.33
C ASP A 58 -15.77 55.44 0.38
N ASN A 59 -15.43 56.19 -0.65
CA ASN A 59 -14.12 56.87 -0.72
C ASN A 59 -14.00 58.16 0.06
N VAL A 60 -13.02 58.20 0.95
CA VAL A 60 -12.81 59.38 1.79
C VAL A 60 -11.40 59.91 1.63
N VAL A 61 -11.27 61.22 1.36
CA VAL A 61 -9.92 61.80 1.22
C VAL A 61 -9.65 62.80 2.31
N VAL A 62 -8.47 62.73 2.92
CA VAL A 62 -8.14 63.69 3.98
C VAL A 62 -7.09 64.68 3.41
N THR A 63 -7.52 65.92 3.11
CA THR A 63 -6.64 67.01 2.62
C THR A 63 -7.24 68.32 3.12
N GLY A 64 -6.39 69.31 3.32
CA GLY A 64 -6.85 70.59 3.83
C GLY A 64 -7.52 71.48 2.80
N ASN A 65 -7.06 71.41 1.56
CA ASN A 65 -7.63 72.28 0.55
C ASN A 65 -9.13 72.18 0.28
N ARG A 66 -9.87 73.23 0.56
CA ARG A 66 -11.29 73.18 0.33
C ARG A 66 -11.67 73.17 -1.14
N SER A 67 -10.69 73.42 -2.02
CA SER A 67 -10.98 73.44 -3.45
C SER A 67 -10.79 72.05 -4.08
N PHE A 68 -10.16 71.18 -3.33
CA PHE A 68 -9.96 69.79 -3.75
C PHE A 68 -11.29 69.10 -3.50
N ARG A 69 -11.97 68.68 -4.55
CA ARG A 69 -13.25 68.04 -4.37
C ARG A 69 -13.55 67.10 -5.47
N PRO A 70 -12.85 65.97 -5.52
CA PRO A 70 -13.14 65.03 -6.61
C PRO A 70 -14.56 64.49 -6.50
N GLU A 71 -15.14 64.16 -7.63
CA GLU A 71 -16.49 63.66 -7.63
C GLU A 71 -16.48 62.28 -7.00
N GLY A 72 -17.54 62.00 -6.26
CA GLY A 72 -17.68 60.70 -5.64
C GLY A 72 -16.87 60.46 -4.38
N CYS A 73 -16.45 61.52 -3.70
CA CYS A 73 -15.66 61.34 -2.48
C CYS A 73 -16.06 62.29 -1.37
N LEU A 74 -15.93 61.82 -0.15
CA LEU A 74 -16.12 62.68 1.02
C LEU A 74 -14.71 63.25 1.31
N VAL A 75 -14.56 64.56 1.52
CA VAL A 75 -13.23 65.12 1.81
C VAL A 75 -13.23 65.66 3.22
N LEU A 76 -12.23 65.33 4.03
CA LEU A 76 -12.19 65.79 5.41
C LEU A 76 -11.00 66.73 5.44
N HIS A 77 -11.24 67.99 5.84
CA HIS A 77 -10.23 69.07 5.80
C HIS A 77 -9.47 69.43 7.05
N SER A 78 -9.96 69.02 8.21
CA SER A 78 -9.28 69.36 9.45
C SER A 78 -9.27 68.23 10.45
N LEU A 79 -8.41 68.36 11.44
CA LEU A 79 -8.33 67.36 12.51
C LEU A 79 -9.72 67.25 13.16
N GLU A 80 -10.44 68.38 13.24
CA GLU A 80 -11.78 68.36 13.84
C GLU A 80 -12.74 67.57 12.96
N GLU A 81 -12.68 67.79 11.65
CA GLU A 81 -13.57 67.06 10.73
C GLU A 81 -13.30 65.55 10.75
N VAL A 82 -12.04 65.17 10.79
CA VAL A 82 -11.73 63.76 10.79
C VAL A 82 -12.17 63.05 12.07
N LYS A 83 -12.00 63.71 13.22
CA LYS A 83 -12.40 63.06 14.46
C LYS A 83 -13.91 62.98 14.55
N GLN A 84 -14.62 64.02 14.13
CA GLN A 84 -16.05 63.95 14.21
C GLN A 84 -16.54 62.82 13.31
N TRP A 85 -15.93 62.66 12.13
CA TRP A 85 -16.37 61.60 11.22
C TRP A 85 -16.10 60.21 11.81
N ILE A 86 -14.93 60.08 12.40
CA ILE A 86 -14.50 58.85 13.04
C ILE A 86 -15.47 58.53 14.19
N ALA A 87 -15.80 59.55 14.97
CA ALA A 87 -16.67 59.37 16.12
C ALA A 87 -18.05 58.75 15.80
N SER A 88 -18.54 58.97 14.59
CA SER A 88 -19.86 58.43 14.22
C SER A 88 -19.78 57.04 13.61
N ARG A 89 -18.59 56.56 13.32
CA ARG A 89 -18.45 55.28 12.64
C ARG A 89 -18.94 54.10 13.43
N ALA A 90 -19.45 53.11 12.70
CA ALA A 90 -19.95 51.91 13.35
C ALA A 90 -19.38 50.67 12.63
N ASP A 91 -19.16 50.73 11.34
CA ASP A 91 -18.59 49.60 10.62
C ASP A 91 -17.06 49.73 10.56
N GLU A 92 -16.36 48.69 10.11
CA GLU A 92 -14.89 48.78 10.02
C GLU A 92 -14.47 49.78 8.93
N VAL A 93 -13.61 50.73 9.30
CA VAL A 93 -13.09 51.74 8.37
C VAL A 93 -11.59 51.44 8.02
N PHE A 94 -11.23 51.57 6.75
CA PHE A 94 -9.84 51.30 6.34
C PHE A 94 -9.04 52.48 5.89
N ILE A 95 -7.97 52.78 6.63
CA ILE A 95 -7.04 53.85 6.22
C ILE A 95 -6.12 53.12 5.20
N ILE A 96 -6.07 53.59 3.94
CA ILE A 96 -5.27 52.84 2.97
C ILE A 96 -3.98 53.46 2.56
N GLY A 97 -3.70 54.63 3.06
CA GLY A 97 -2.48 55.11 2.56
C GLY A 97 -2.20 56.57 2.64
N GLY A 98 -0.90 56.64 2.50
CA GLY A 98 -0.09 57.78 2.58
C GLY A 98 0.72 57.48 3.85
N ALA A 99 2.04 57.31 3.73
CA ALA A 99 2.85 57.07 4.92
C ALA A 99 2.43 58.14 5.93
N GLU A 100 2.20 59.36 5.44
CA GLU A 100 1.84 60.47 6.33
C GLU A 100 0.52 60.22 7.07
N LEU A 101 -0.50 59.79 6.35
CA LEU A 101 -1.78 59.53 6.99
C LEU A 101 -1.68 58.32 7.94
N PHE A 102 -0.90 57.31 7.53
CA PHE A 102 -0.72 56.11 8.37
C PHE A 102 -0.13 56.58 9.71
N ARG A 103 0.83 57.47 9.64
CA ARG A 103 1.46 58.00 10.85
C ARG A 103 0.48 58.82 11.69
N ALA A 104 -0.25 59.69 11.02
CA ALA A 104 -1.20 60.52 11.72
C ALA A 104 -2.28 59.70 12.43
N THR A 105 -2.71 58.60 11.83
CA THR A 105 -3.79 57.84 12.42
C THR A 105 -3.44 56.63 13.25
N MET A 106 -2.18 56.25 13.26
CA MET A 106 -1.78 55.06 14.01
C MET A 106 -2.43 55.05 15.43
N PRO A 107 -2.42 56.19 16.11
CA PRO A 107 -3.03 56.09 17.43
C PRO A 107 -4.53 55.83 17.56
N ILE A 108 -5.34 56.04 16.54
CA ILE A 108 -6.76 55.77 16.71
C ILE A 108 -7.13 54.44 16.10
N VAL A 109 -6.13 53.72 15.62
CA VAL A 109 -6.40 52.48 14.93
C VAL A 109 -6.19 51.30 15.88
N ASP A 110 -7.01 50.27 15.71
CA ASP A 110 -6.90 49.10 16.53
C ASP A 110 -6.57 47.81 15.79
N ARG A 111 -6.36 47.92 14.48
CA ARG A 111 -6.05 46.71 13.70
C ARG A 111 -5.23 47.05 12.49
N LEU A 112 -4.24 46.24 12.17
CA LEU A 112 -3.41 46.49 11.00
C LEU A 112 -3.43 45.23 10.09
N TYR A 113 -3.82 45.39 8.84
CA TYR A 113 -3.81 44.32 7.85
C TYR A 113 -2.57 44.56 7.05
N VAL A 114 -1.53 43.81 7.35
CA VAL A 114 -0.27 43.98 6.67
C VAL A 114 0.07 42.86 5.72
N THR A 115 0.29 43.18 4.47
CA THR A 115 0.75 42.16 3.53
C THR A 115 2.26 42.37 3.51
N LYS A 116 3.03 41.40 3.99
CA LYS A 116 4.48 41.54 3.96
C LYS A 116 4.99 40.82 2.72
N ILE A 117 5.83 41.48 1.94
CA ILE A 117 6.38 40.86 0.73
C ILE A 117 7.83 40.52 1.08
N PHE A 118 8.19 39.25 0.94
CA PHE A 118 9.56 38.90 1.34
C PHE A 118 10.57 39.12 0.24
N ALA A 119 10.78 40.39 -0.13
CA ALA A 119 11.78 40.76 -1.16
C ALA A 119 12.15 42.20 -0.85
N SER A 120 13.17 42.74 -1.53
CA SER A 120 13.53 44.13 -1.28
C SER A 120 13.42 44.86 -2.61
N PHE A 121 12.86 46.07 -2.57
CA PHE A 121 12.67 46.84 -3.78
C PHE A 121 13.11 48.30 -3.61
N PRO A 122 13.23 49.04 -4.71
CA PRO A 122 13.61 50.44 -4.53
C PRO A 122 12.42 51.13 -3.79
N GLY A 123 12.73 52.01 -2.86
CA GLY A 123 11.65 52.66 -2.14
C GLY A 123 12.03 54.05 -1.69
N ASP A 124 11.04 54.94 -1.64
CA ASP A 124 11.24 56.30 -1.12
C ASP A 124 10.16 56.69 -0.11
N THR A 125 9.26 55.75 0.22
CA THR A 125 8.22 56.01 1.25
C THR A 125 8.04 54.71 2.02
N PHE A 126 7.90 54.80 3.36
CA PHE A 126 7.87 53.60 4.21
C PHE A 126 6.74 53.60 5.24
N TYR A 127 6.28 52.43 5.61
CA TYR A 127 5.28 52.32 6.65
C TYR A 127 6.00 52.44 7.97
N PRO A 128 5.39 53.11 8.97
CA PRO A 128 6.12 53.25 10.22
C PRO A 128 6.38 51.93 10.95
N PRO A 129 7.26 51.96 11.96
CA PRO A 129 7.59 50.73 12.73
C PRO A 129 6.35 50.21 13.49
N ILE A 130 6.21 48.91 13.59
CA ILE A 130 5.08 48.32 14.33
C ILE A 130 5.72 47.92 15.68
N SER A 131 5.39 48.61 16.76
CA SER A 131 5.98 48.25 18.05
C SER A 131 5.53 46.90 18.63
N ASP A 132 6.46 46.04 19.01
CA ASP A 132 6.14 44.75 19.63
C ASP A 132 5.55 44.99 21.02
N ASP A 133 5.76 46.18 21.56
CA ASP A 133 5.19 46.46 22.86
C ASP A 133 3.74 46.85 22.70
N GLU A 134 3.36 47.27 21.50
CA GLU A 134 2.00 47.72 21.26
C GLU A 134 1.08 46.76 20.48
N TRP A 135 1.65 46.03 19.53
CA TRP A 135 0.87 45.16 18.67
C TRP A 135 1.24 43.70 18.76
N GLU A 136 0.30 42.82 18.41
CA GLU A 136 0.68 41.42 18.38
C GLU A 136 -0.09 40.82 17.22
N ILE A 137 0.49 39.80 16.62
CA ILE A 137 -0.12 39.13 15.50
C ILE A 137 -1.30 38.26 16.01
N VAL A 138 -2.45 38.35 15.34
CA VAL A 138 -3.63 37.52 15.68
C VAL A 138 -4.02 36.63 14.50
N SER A 139 -3.41 36.89 13.33
CA SER A 139 -3.67 36.01 12.17
C SER A 139 -2.49 36.09 11.23
N TYR A 140 -2.10 34.95 10.66
CA TYR A 140 -0.98 34.92 9.73
C TYR A 140 -1.35 33.91 8.62
N THR A 141 -1.28 34.33 7.36
CA THR A 141 -1.61 33.46 6.23
C THR A 141 -0.56 33.57 5.11
N PRO A 142 0.25 32.52 4.91
CA PRO A 142 1.30 32.50 3.86
C PRO A 142 0.64 32.74 2.53
N GLY A 143 1.30 33.47 1.63
CA GLY A 143 0.68 33.72 0.33
C GLY A 143 1.22 32.77 -0.72
N GLY A 144 0.58 32.75 -1.88
CA GLY A 144 1.06 31.86 -2.90
C GLY A 144 1.91 32.47 -4.01
N LYS A 145 3.21 32.19 -3.99
CA LYS A 145 4.12 32.63 -5.06
C LYS A 145 3.83 31.83 -6.35
N ASP A 146 3.53 32.53 -7.44
CA ASP A 146 3.26 31.85 -8.71
C ASP A 146 3.58 32.80 -9.86
N GLU A 147 3.19 32.42 -11.08
CA GLU A 147 3.47 33.20 -12.28
C GLU A 147 2.84 34.56 -12.28
N LYS A 148 1.72 34.72 -11.57
CA LYS A 148 1.10 36.05 -11.48
C LYS A 148 1.68 36.82 -10.27
N ASN A 149 2.16 36.16 -9.19
CA ASN A 149 2.65 36.78 -7.97
C ASN A 149 4.10 36.31 -7.71
N PRO A 150 5.08 37.03 -8.27
CA PRO A 150 6.53 36.59 -8.31
C PRO A 150 7.28 36.61 -7.02
N TYR A 151 6.65 36.79 -5.89
CA TYR A 151 7.39 36.85 -4.65
C TYR A 151 6.64 36.17 -3.52
N GLU A 152 7.36 35.66 -2.56
CA GLU A 152 6.79 35.05 -1.36
C GLU A 152 6.21 36.24 -0.59
N HIS A 153 5.06 36.04 0.07
CA HIS A 153 4.46 37.13 0.81
C HIS A 153 3.56 36.50 1.88
N ALA A 154 2.94 37.31 2.73
CA ALA A 154 2.04 36.76 3.75
C ALA A 154 1.04 37.84 4.16
N PHE A 155 -0.18 37.41 4.45
CA PHE A 155 -1.22 38.35 4.90
C PHE A 155 -1.27 38.22 6.44
N ILE A 156 -0.94 39.31 7.13
CA ILE A 156 -0.87 39.30 8.56
C ILE A 156 -1.88 40.29 9.16
N ILE A 157 -2.44 39.95 10.33
CA ILE A 157 -3.34 40.86 11.00
C ILE A 157 -2.80 41.12 12.42
N TYR A 158 -2.59 42.39 12.76
CA TYR A 158 -2.14 42.71 14.11
C TYR A 158 -3.29 43.40 14.86
N GLU A 159 -3.36 43.19 16.18
CA GLU A 159 -4.30 43.85 17.05
C GLU A 159 -3.51 44.34 18.27
N ARG A 160 -4.05 45.31 19.00
CA ARG A 160 -3.34 45.84 20.14
C ARG A 160 -3.19 44.87 21.31
N LYS A 161 -2.02 44.90 21.93
CA LYS A 161 -1.81 44.02 23.10
C LYS A 161 -2.69 44.52 24.25
N MET B 1 -5.73 -53.76 7.79
CA MET B 1 -4.44 -53.13 8.23
C MET B 1 -3.67 -52.47 7.09
N ILE B 2 -2.50 -51.91 7.45
CA ILE B 2 -1.64 -51.21 6.49
C ILE B 2 -0.49 -52.06 5.94
N SER B 3 -0.58 -52.38 4.65
CA SER B 3 0.44 -53.20 3.97
C SER B 3 1.13 -52.57 2.78
N HIS B 4 2.43 -52.86 2.68
CA HIS B 4 3.28 -52.42 1.58
C HIS B 4 3.45 -53.64 0.68
N ILE B 5 3.33 -53.49 -0.64
CA ILE B 5 3.59 -54.61 -1.57
C ILE B 5 4.46 -54.01 -2.65
N VAL B 6 5.67 -54.56 -2.82
CA VAL B 6 6.65 -54.02 -3.76
C VAL B 6 7.63 -55.10 -4.29
N ALA B 7 8.18 -54.84 -5.46
CA ALA B 7 9.17 -55.74 -6.07
C ALA B 7 10.41 -54.85 -6.18
N MET B 8 11.55 -55.34 -5.67
CA MET B 8 12.81 -54.59 -5.73
C MET B 8 14.01 -55.52 -6.02
N ASP B 9 15.10 -54.96 -6.53
CA ASP B 9 16.28 -55.78 -6.84
C ASP B 9 17.28 -55.84 -5.68
N GLU B 10 18.42 -56.49 -5.88
CA GLU B 10 19.35 -56.62 -4.77
C GLU B 10 19.82 -55.32 -4.23
N ASN B 11 19.72 -54.24 -5.00
CA ASN B 11 20.13 -52.93 -4.45
C ASN B 11 18.88 -52.07 -4.09
N ARG B 12 17.74 -52.71 -3.90
CA ARG B 12 16.51 -52.01 -3.54
C ARG B 12 15.96 -51.11 -4.65
N VAL B 13 16.45 -51.27 -5.89
CA VAL B 13 15.96 -50.50 -7.02
C VAL B 13 14.47 -50.86 -7.23
N ILE B 14 13.59 -49.87 -7.51
CA ILE B 14 12.19 -50.21 -7.76
C ILE B 14 11.75 -49.58 -9.05
N GLY B 15 12.64 -48.79 -9.65
CA GLY B 15 12.29 -48.19 -10.92
C GLY B 15 13.45 -47.48 -11.59
N LYS B 16 13.25 -47.13 -12.85
CA LYS B 16 14.27 -46.42 -13.60
C LYS B 16 13.48 -45.73 -14.70
N ASP B 17 13.62 -44.41 -14.79
CA ASP B 17 12.89 -43.62 -15.79
C ASP B 17 11.41 -43.94 -15.82
N ASN B 18 10.82 -44.00 -14.62
CA ASN B 18 9.40 -44.30 -14.45
C ASN B 18 8.92 -45.60 -15.04
N ARG B 19 9.79 -46.61 -15.03
CA ARG B 19 9.43 -47.92 -15.55
C ARG B 19 10.18 -48.98 -14.78
N LEU B 20 9.78 -50.23 -14.92
CA LEU B 20 10.48 -51.30 -14.23
C LEU B 20 11.56 -51.79 -15.16
N PRO B 21 12.78 -51.96 -14.64
CA PRO B 21 13.81 -52.44 -15.56
C PRO B 21 13.79 -53.96 -15.74
N TRP B 22 12.74 -54.61 -15.25
CA TRP B 22 12.65 -56.05 -15.40
C TRP B 22 11.20 -56.37 -15.76
N HIS B 23 10.94 -57.59 -16.17
CA HIS B 23 9.58 -57.99 -16.43
C HIS B 23 9.51 -59.38 -15.85
N LEU B 24 8.66 -59.53 -14.85
CA LEU B 24 8.49 -60.77 -14.12
C LEU B 24 7.03 -61.06 -14.00
N PRO B 25 6.45 -61.72 -15.02
CA PRO B 25 5.03 -62.02 -14.93
C PRO B 25 4.62 -62.78 -13.68
N ALA B 26 5.51 -63.61 -13.11
CA ALA B 26 5.13 -64.33 -11.90
C ALA B 26 4.83 -63.35 -10.74
N ASP B 27 5.54 -62.24 -10.71
CA ASP B 27 5.33 -61.25 -9.67
C ASP B 27 4.07 -60.43 -9.98
N LEU B 28 3.82 -60.20 -11.26
CA LEU B 28 2.61 -59.48 -11.63
C LEU B 28 1.40 -60.33 -11.17
N ALA B 29 1.44 -61.64 -11.41
CA ALA B 29 0.35 -62.52 -11.01
C ALA B 29 0.21 -62.53 -9.50
N TYR B 30 1.34 -62.55 -8.83
CA TYR B 30 1.34 -62.58 -7.37
C TYR B 30 0.69 -61.31 -6.82
N PHE B 31 1.08 -60.17 -7.38
CA PHE B 31 0.58 -58.85 -6.98
C PHE B 31 -0.92 -58.82 -7.13
N LYS B 32 -1.40 -59.23 -8.30
CA LYS B 32 -2.83 -59.27 -8.60
C LYS B 32 -3.59 -60.14 -7.60
N ARG B 33 -3.10 -61.35 -7.42
CA ARG B 33 -3.68 -62.32 -6.49
C ARG B 33 -3.76 -61.81 -5.08
N VAL B 34 -2.70 -61.16 -4.62
CA VAL B 34 -2.67 -60.66 -3.25
C VAL B 34 -3.57 -59.46 -3.03
N THR B 35 -3.68 -58.62 -4.04
CA THR B 35 -4.48 -57.43 -3.90
C THR B 35 -5.88 -57.49 -4.50
N MET B 36 -6.30 -58.66 -4.97
CA MET B 36 -7.62 -58.71 -5.55
C MET B 36 -8.66 -58.34 -4.48
N GLY B 37 -9.69 -57.61 -4.91
CA GLY B 37 -10.74 -57.19 -4.01
C GLY B 37 -10.19 -56.52 -2.76
N HIS B 38 -9.43 -55.45 -2.94
CA HIS B 38 -8.84 -54.72 -1.83
C HIS B 38 -8.61 -53.28 -2.21
N ALA B 39 -8.36 -52.46 -1.21
CA ALA B 39 -8.09 -51.05 -1.46
C ALA B 39 -6.58 -50.94 -1.66
N ILE B 40 -6.18 -50.29 -2.74
CA ILE B 40 -4.77 -50.08 -3.04
C ILE B 40 -4.45 -48.60 -3.12
N VAL B 41 -3.56 -48.11 -2.27
CA VAL B 41 -3.20 -46.70 -2.29
C VAL B 41 -1.93 -46.44 -3.14
N MET B 42 -2.02 -45.55 -4.12
CA MET B 42 -0.88 -45.29 -4.97
C MET B 42 -0.65 -43.82 -5.29
N GLY B 43 0.62 -43.47 -5.51
CA GLY B 43 0.97 -42.10 -5.85
C GLY B 43 0.47 -41.72 -7.23
N ARG B 44 0.65 -40.45 -7.57
CA ARG B 44 0.21 -39.92 -8.86
C ARG B 44 0.86 -40.67 -10.01
N LYS B 45 2.19 -40.56 -10.07
CA LYS B 45 2.99 -41.21 -11.10
C LYS B 45 2.54 -42.65 -11.26
N THR B 46 2.45 -43.35 -10.13
CA THR B 46 2.06 -44.75 -10.15
C THR B 46 0.75 -44.98 -10.90
N PHE B 47 -0.33 -44.30 -10.48
CA PHE B 47 -1.60 -44.47 -11.15
C PHE B 47 -1.48 -44.13 -12.63
N GLU B 48 -0.69 -43.11 -12.95
CA GLU B 48 -0.53 -42.74 -14.34
C GLU B 48 0.19 -43.83 -15.13
N ALA B 49 1.34 -44.26 -14.63
CA ALA B 49 2.12 -45.31 -15.28
C ALA B 49 1.30 -46.58 -15.47
N ILE B 50 0.08 -46.57 -14.93
CA ILE B 50 -0.82 -47.71 -15.04
C ILE B 50 -1.97 -47.37 -15.97
N GLY B 51 -2.23 -46.08 -16.14
CA GLY B 51 -3.31 -45.65 -17.02
C GLY B 51 -4.67 -45.63 -16.35
N ARG B 52 -5.47 -46.65 -16.59
CA ARG B 52 -6.81 -46.74 -16.01
C ARG B 52 -6.78 -47.55 -14.73
N PRO B 53 -7.69 -47.25 -13.79
CA PRO B 53 -7.80 -47.93 -12.49
C PRO B 53 -7.70 -49.44 -12.56
N LEU B 54 -7.17 -50.04 -11.49
CA LEU B 54 -7.00 -51.48 -11.41
C LEU B 54 -8.29 -52.23 -11.09
N PRO B 55 -8.73 -53.13 -12.00
CA PRO B 55 -9.95 -53.95 -11.86
C PRO B 55 -10.06 -54.83 -10.62
N GLY B 56 -11.21 -54.74 -9.97
CA GLY B 56 -11.46 -55.52 -8.77
C GLY B 56 -10.83 -54.93 -7.54
N ARG B 57 -10.36 -53.68 -7.65
CA ARG B 57 -9.71 -53.01 -6.51
C ARG B 57 -10.12 -51.55 -6.33
N ASP B 58 -10.26 -51.14 -5.07
CA ASP B 58 -10.62 -49.77 -4.76
C ASP B 58 -9.39 -48.88 -4.96
N ASN B 59 -9.21 -48.40 -6.18
CA ASN B 59 -8.06 -47.56 -6.47
C ASN B 59 -8.05 -46.23 -5.73
N VAL B 60 -7.37 -46.18 -4.58
CA VAL B 60 -7.24 -44.97 -3.78
C VAL B 60 -5.98 -44.20 -4.16
N VAL B 61 -6.11 -43.15 -4.97
CA VAL B 61 -4.93 -42.35 -5.34
C VAL B 61 -4.61 -41.24 -4.33
N VAL B 62 -3.40 -40.71 -4.39
CA VAL B 62 -2.98 -39.64 -3.49
C VAL B 62 -2.35 -38.61 -4.41
N THR B 63 -2.80 -37.36 -4.32
CA THR B 63 -2.25 -36.33 -5.19
C THR B 63 -2.50 -34.92 -4.66
N GLY B 64 -1.59 -34.01 -4.97
CA GLY B 64 -1.73 -32.63 -4.53
C GLY B 64 -2.41 -31.78 -5.58
N ASN B 65 -2.38 -32.22 -6.83
CA ASN B 65 -2.99 -31.50 -7.94
C ASN B 65 -4.49 -31.74 -7.95
N ARG B 66 -5.25 -30.72 -7.61
CA ARG B 66 -6.70 -30.83 -7.58
C ARG B 66 -7.23 -31.05 -9.00
N SER B 67 -6.35 -30.95 -9.99
CA SER B 67 -6.71 -31.12 -11.39
C SER B 67 -6.92 -32.58 -11.81
N PHE B 68 -6.48 -33.50 -10.98
CA PHE B 68 -6.58 -34.94 -11.24
C PHE B 68 -7.86 -35.43 -11.92
N ARG B 69 -7.75 -36.56 -12.62
CA ARG B 69 -8.89 -37.19 -13.31
C ARG B 69 -9.22 -38.51 -12.61
N PRO B 70 -9.79 -38.45 -11.39
CA PRO B 70 -10.14 -39.65 -10.62
C PRO B 70 -11.36 -40.39 -11.15
N GLU B 71 -11.13 -41.40 -11.98
CA GLU B 71 -12.22 -42.19 -12.54
C GLU B 71 -12.70 -43.21 -11.51
N GLY B 72 -13.54 -42.77 -10.58
CA GLY B 72 -14.06 -43.64 -9.54
C GLY B 72 -12.99 -44.01 -8.54
N CYS B 73 -11.93 -43.20 -8.49
CA CYS B 73 -10.80 -43.43 -7.60
C CYS B 73 -10.88 -42.61 -6.32
N LEU B 74 -11.29 -43.26 -5.23
CA LEU B 74 -11.38 -42.61 -3.94
C LEU B 74 -10.10 -41.82 -3.76
N VAL B 75 -10.16 -40.50 -3.96
CA VAL B 75 -8.94 -39.71 -3.84
C VAL B 75 -8.71 -39.01 -2.51
N LEU B 76 -7.43 -38.88 -2.17
CA LEU B 76 -7.01 -38.20 -0.97
C LEU B 76 -6.10 -37.11 -1.53
N HIS B 77 -5.71 -36.15 -0.72
CA HIS B 77 -4.88 -35.06 -1.22
C HIS B 77 -3.70 -34.73 -0.36
N SER B 78 -3.43 -35.56 0.62
CA SER B 78 -2.31 -35.27 1.47
C SER B 78 -1.89 -36.46 2.29
N LEU B 79 -0.67 -36.41 2.81
CA LEU B 79 -0.14 -37.48 3.63
C LEU B 79 -1.13 -37.76 4.75
N GLU B 80 -1.92 -36.74 5.09
CA GLU B 80 -2.90 -36.87 6.16
C GLU B 80 -4.30 -37.26 5.70
N GLU B 81 -4.75 -36.71 4.58
CA GLU B 81 -6.07 -37.07 4.07
C GLU B 81 -5.99 -38.55 3.70
N VAL B 82 -4.76 -39.06 3.64
CA VAL B 82 -4.49 -40.46 3.33
C VAL B 82 -4.45 -41.27 4.62
N LYS B 83 -3.57 -40.91 5.54
CA LYS B 83 -3.45 -41.65 6.79
C LYS B 83 -4.63 -41.42 7.72
N GLN B 84 -5.72 -40.92 7.14
CA GLN B 84 -6.97 -40.66 7.86
C GLN B 84 -8.06 -41.50 7.21
N TRP B 85 -7.83 -41.79 5.94
CA TRP B 85 -8.76 -42.59 5.15
C TRP B 85 -8.45 -44.05 5.36
N ILE B 86 -7.17 -44.38 5.50
CA ILE B 86 -6.76 -45.77 5.67
C ILE B 86 -6.40 -46.25 7.07
N ALA B 87 -5.60 -45.49 7.81
CA ALA B 87 -5.20 -45.89 9.16
C ALA B 87 -6.39 -46.44 9.96
N SER B 88 -7.56 -45.91 9.65
CA SER B 88 -8.81 -46.28 10.30
C SER B 88 -9.26 -47.69 9.96
N ARG B 89 -9.14 -48.03 8.68
CA ARG B 89 -9.53 -49.32 8.11
C ARG B 89 -9.22 -50.50 9.00
N ALA B 90 -10.00 -51.56 8.83
CA ALA B 90 -9.80 -52.80 9.58
C ALA B 90 -9.66 -53.91 8.56
N ASP B 91 -9.64 -53.50 7.30
CA ASP B 91 -9.47 -54.41 6.19
C ASP B 91 -8.05 -54.11 5.67
N GLU B 92 -7.33 -55.12 5.22
CA GLU B 92 -5.95 -54.90 4.74
C GLU B 92 -5.88 -53.98 3.53
N VAL B 93 -5.26 -52.83 3.72
CA VAL B 93 -5.11 -51.88 2.63
C VAL B 93 -3.66 -52.02 2.17
N PHE B 94 -3.45 -51.94 0.86
CA PHE B 94 -2.10 -52.08 0.29
C PHE B 94 -1.54 -50.80 -0.30
N ILE B 95 -0.43 -50.31 0.23
CA ILE B 95 0.27 -49.20 -0.39
C ILE B 95 1.03 -49.80 -1.54
N ILE B 96 0.65 -49.54 -2.79
CA ILE B 96 1.32 -50.17 -3.91
C ILE B 96 2.45 -49.34 -4.48
N GLY B 97 2.63 -48.11 -4.04
CA GLY B 97 3.76 -47.48 -4.67
C GLY B 97 3.91 -46.01 -4.78
N GLY B 98 5.13 -45.78 -5.16
CA GLY B 98 5.77 -44.50 -5.32
C GLY B 98 6.84 -44.52 -4.24
N ALA B 99 8.10 -44.31 -4.58
CA ALA B 99 9.11 -44.36 -3.52
C ALA B 99 8.75 -43.38 -2.41
N GLU B 100 8.15 -42.24 -2.78
CA GLU B 100 7.77 -41.22 -1.82
C GLU B 100 6.69 -41.76 -0.87
N LEU B 101 5.61 -42.27 -1.44
CA LEU B 101 4.52 -42.80 -0.65
C LEU B 101 4.94 -43.95 0.25
N PHE B 102 5.93 -44.73 -0.21
CA PHE B 102 6.43 -45.86 0.56
C PHE B 102 7.14 -45.31 1.79
N ARG B 103 8.00 -44.33 1.55
CA ARG B 103 8.77 -43.75 2.64
C ARG B 103 7.82 -42.99 3.58
N ALA B 104 6.90 -42.23 2.99
CA ALA B 104 5.96 -41.44 3.77
C ALA B 104 5.12 -42.32 4.69
N THR B 105 4.61 -43.42 4.14
CA THR B 105 3.77 -44.28 4.96
C THR B 105 4.49 -45.39 5.67
N MET B 106 5.81 -45.36 5.67
CA MET B 106 6.61 -46.39 6.32
C MET B 106 6.31 -46.60 7.82
N PRO B 107 6.47 -45.54 8.64
CA PRO B 107 6.20 -45.71 10.07
C PRO B 107 4.79 -46.19 10.47
N ILE B 108 3.80 -46.03 9.60
CA ILE B 108 2.45 -46.48 9.93
C ILE B 108 2.06 -47.79 9.22
N VAL B 109 3.06 -48.56 8.78
CA VAL B 109 2.78 -49.83 8.10
C VAL B 109 3.08 -50.98 9.03
N ASP B 110 2.31 -52.06 8.89
CA ASP B 110 2.53 -53.24 9.74
C ASP B 110 3.09 -54.47 9.04
N ARG B 111 2.97 -54.50 7.71
CA ARG B 111 3.43 -55.66 6.94
C ARG B 111 3.97 -55.30 5.56
N LEU B 112 5.08 -55.88 5.20
CA LEU B 112 5.69 -55.65 3.92
C LEU B 112 5.72 -56.91 3.06
N TYR B 113 5.07 -56.88 1.88
CA TYR B 113 5.11 -58.01 0.93
C TYR B 113 6.22 -57.66 -0.05
N VAL B 114 7.39 -58.22 0.16
CA VAL B 114 8.53 -57.89 -0.68
C VAL B 114 8.91 -58.95 -1.71
N THR B 115 8.97 -58.58 -2.97
CA THR B 115 9.41 -59.56 -3.97
C THR B 115 10.87 -59.17 -4.22
N LYS B 116 11.80 -59.99 -3.75
CA LYS B 116 13.22 -59.65 -3.97
C LYS B 116 13.70 -60.32 -5.28
N ILE B 117 14.33 -59.52 -6.16
CA ILE B 117 14.87 -60.04 -7.43
C ILE B 117 16.38 -60.15 -7.24
N PHE B 118 16.90 -61.38 -7.35
CA PHE B 118 18.32 -61.53 -7.13
C PHE B 118 19.18 -61.16 -8.33
N ALA B 119 19.22 -59.87 -8.66
CA ALA B 119 19.98 -59.38 -9.80
C ALA B 119 20.12 -57.89 -9.54
N SER B 120 20.96 -57.21 -10.31
CA SER B 120 21.09 -55.76 -10.09
C SER B 120 20.77 -55.09 -11.40
N PHE B 121 19.96 -54.04 -11.35
CA PHE B 121 19.56 -53.36 -12.56
C PHE B 121 19.85 -51.89 -12.49
N PRO B 122 19.69 -51.19 -13.62
CA PRO B 122 19.93 -49.75 -13.54
C PRO B 122 18.76 -49.22 -12.68
N GLY B 123 19.02 -48.22 -11.84
CA GLY B 123 17.93 -47.69 -11.05
C GLY B 123 18.11 -46.25 -10.62
N ASP B 124 17.00 -45.54 -10.52
CA ASP B 124 17.00 -44.15 -10.06
C ASP B 124 15.94 -43.94 -8.93
N THR B 125 15.23 -45.00 -8.53
CA THR B 125 14.22 -44.91 -7.45
C THR B 125 14.41 -46.13 -6.57
N PHE B 126 14.37 -45.93 -5.26
CA PHE B 126 14.60 -47.04 -4.35
C PHE B 126 13.57 -47.22 -3.26
N TYR B 127 13.49 -48.44 -2.73
CA TYR B 127 12.58 -48.71 -1.62
C TYR B 127 13.42 -48.39 -0.40
N PRO B 128 12.80 -47.98 0.70
CA PRO B 128 13.59 -47.65 1.89
C PRO B 128 14.20 -48.86 2.53
N PRO B 129 15.20 -48.63 3.37
CA PRO B 129 15.92 -49.68 4.09
C PRO B 129 14.92 -50.47 4.91
N ILE B 130 15.13 -51.77 5.05
CA ILE B 130 14.21 -52.56 5.88
C ILE B 130 14.99 -52.88 7.13
N SER B 131 14.79 -52.07 8.16
CA SER B 131 15.48 -52.25 9.43
C SER B 131 15.25 -53.62 10.04
N ASP B 132 16.32 -54.40 10.18
CA ASP B 132 16.18 -55.72 10.77
C ASP B 132 16.07 -55.65 12.28
N ASP B 133 15.73 -54.47 12.79
CA ASP B 133 15.54 -54.24 14.22
C ASP B 133 14.08 -53.87 14.38
N GLU B 134 13.47 -53.47 13.27
CA GLU B 134 12.08 -53.05 13.23
C GLU B 134 11.24 -54.11 12.51
N TRP B 135 11.89 -54.88 11.63
CA TRP B 135 11.18 -55.87 10.85
C TRP B 135 11.69 -57.31 10.90
N GLU B 136 10.76 -58.26 10.81
CA GLU B 136 11.10 -59.67 10.88
C GLU B 136 10.43 -60.46 9.74
N ILE B 137 11.10 -61.50 9.27
CA ILE B 137 10.56 -62.35 8.20
C ILE B 137 9.60 -63.40 8.78
N VAL B 138 8.33 -63.38 8.36
CA VAL B 138 7.36 -64.35 8.84
C VAL B 138 7.03 -65.35 7.72
N SER B 139 7.46 -65.06 6.48
CA SER B 139 7.21 -65.98 5.36
C SER B 139 8.25 -65.81 4.25
N TYR B 140 8.71 -66.93 3.67
CA TYR B 140 9.69 -66.88 2.56
C TYR B 140 9.35 -67.95 1.53
N THR B 141 9.17 -67.55 0.28
CA THR B 141 8.83 -68.47 -0.81
C THR B 141 9.71 -68.21 -2.06
N PRO B 142 10.66 -69.12 -2.37
CA PRO B 142 11.51 -68.90 -3.56
C PRO B 142 10.62 -68.93 -4.79
N GLY B 143 10.87 -68.05 -5.75
CA GLY B 143 10.05 -68.08 -6.94
C GLY B 143 10.72 -68.94 -7.99
N GLY B 144 10.03 -69.21 -9.09
CA GLY B 144 10.63 -70.00 -10.13
C GLY B 144 11.23 -69.23 -11.31
N LYS B 145 12.54 -69.31 -11.49
CA LYS B 145 13.17 -68.69 -12.66
C LYS B 145 12.89 -69.61 -13.88
N ASP B 146 12.41 -69.04 -14.99
CA ASP B 146 12.12 -69.81 -16.19
C ASP B 146 12.13 -68.88 -17.40
N GLU B 147 11.77 -69.42 -18.58
CA GLU B 147 11.78 -68.60 -19.80
C GLU B 147 10.91 -67.35 -19.72
N LYS B 148 9.93 -67.34 -18.80
CA LYS B 148 9.09 -66.18 -18.68
C LYS B 148 9.52 -65.26 -17.53
N ASN B 149 10.24 -65.79 -16.53
CA ASN B 149 10.76 -65.04 -15.38
C ASN B 149 12.30 -65.31 -15.38
N PRO B 150 13.04 -64.29 -15.94
CA PRO B 150 14.54 -64.41 -16.20
C PRO B 150 15.42 -64.31 -15.02
N TYR B 151 14.88 -64.17 -13.88
CA TYR B 151 15.73 -63.98 -12.72
C TYR B 151 15.26 -64.77 -11.55
N GLU B 152 16.19 -65.18 -10.68
CA GLU B 152 15.81 -65.88 -9.45
C GLU B 152 15.18 -64.76 -8.59
N HIS B 153 14.17 -65.12 -7.83
CA HIS B 153 13.48 -64.12 -7.00
C HIS B 153 12.82 -64.88 -5.86
N ALA B 154 12.28 -64.13 -4.91
CA ALA B 154 11.61 -64.73 -3.74
C ALA B 154 10.47 -63.81 -3.25
N PHE B 155 9.41 -64.40 -2.74
CA PHE B 155 8.28 -63.63 -2.24
C PHE B 155 8.45 -63.70 -0.71
N ILE B 156 8.78 -62.55 -0.15
CA ILE B 156 9.04 -62.44 1.28
C ILE B 156 7.97 -61.56 1.99
N ILE B 157 7.59 -61.97 3.19
CA ILE B 157 6.64 -61.19 3.98
C ILE B 157 7.34 -60.80 5.30
N TYR B 158 7.31 -59.53 5.63
CA TYR B 158 7.94 -59.02 6.84
C TYR B 158 6.84 -58.47 7.77
N GLU B 159 7.08 -58.53 9.08
CA GLU B 159 6.13 -57.98 10.06
C GLU B 159 6.99 -57.33 11.14
N ARG B 160 6.44 -56.36 11.86
CA ARG B 160 7.23 -55.66 12.86
C ARG B 160 7.74 -56.60 13.96
S SO4 C . -14.59 43.87 14.78
O1 SO4 C . -13.67 43.02 15.57
O2 SO4 C . -15.58 43.02 14.09
O3 SO4 C . -15.26 44.79 15.71
O4 SO4 C . -13.89 44.66 13.72
S SO4 D . -0.78 60.71 1.11
O1 SO4 D . -0.95 60.60 2.60
O2 SO4 D . -1.79 59.95 0.32
O3 SO4 D . -0.91 62.16 0.73
O4 SO4 D . 0.58 60.19 0.83
S SO4 E . -10.86 48.02 -8.27
O1 SO4 E . -9.58 48.35 -7.62
O2 SO4 E . -10.76 46.72 -8.98
O3 SO4 E . -11.93 47.93 -7.28
O4 SO4 E . -11.18 49.09 -9.24
S SO4 F . -5.78 49.66 -5.81
O1 SO4 F . -4.83 50.44 -4.96
O2 SO4 F . -5.14 49.22 -7.07
O3 SO4 F . -6.22 48.47 -5.05
O4 SO4 F . -6.93 50.53 -6.14
S SO4 G . 0.55 -53.77 -12.23
O1 SO4 G . 1.47 -53.93 -13.37
O2 SO4 G . 0.71 -54.91 -11.29
O3 SO4 G . 0.82 -52.50 -11.51
O4 SO4 G . -0.84 -53.75 -12.76
C1 GOL H . 4.90 -41.54 -7.17
O1 GOL H . 3.59 -42.31 -7.69
C2 GOL H . 5.26 -41.52 -5.85
O2 GOL H . 4.19 -41.82 -5.11
C3 GOL H . 6.44 -41.35 -5.67
O3 GOL H . 7.96 -41.12 -5.91
#